data_1A9T
#
_entry.id   1A9T
#
_cell.length_a   94.200
_cell.length_b   94.200
_cell.length_c   94.200
_cell.angle_alpha   90.00
_cell.angle_beta   90.00
_cell.angle_gamma   90.00
#
_symmetry.space_group_name_H-M   'P 21 3'
#
loop_
_entity.id
_entity.type
_entity.pdbx_description
1 polymer 'PURINE NUCLEOSIDE PHOSPHORYLASE'
2 non-polymer 1-O-phosphono-alpha-D-ribofuranose
3 non-polymer HYPOXANTHINE
4 water water
#
_entity_poly.entity_id   1
_entity_poly.type   'polypeptide(L)'
_entity_poly.pdbx_seq_one_letter_code
;MANGYTYEDYQDTAKWLLSHTEQRPQVAVICGSGLGGLVNKLTQAQTFDYSEIPNFPESTVPGHAGRLVFGILNGRACVM
MQGRFHMYEGYPFWKVTFPVRVFRLLGVETLVVTNAAGGLNPNFEVGDIMLIRDHINLPGFSGENPLRGPNEERFGVRFP
AMSDAYDRDMRQKAHSTWKQMGEQRELQEGTYVMLGGPNFETVAECRLLRNLGADAVGMSTVPEVIVARHCGLRVFGFSL
ITNKVIMDTESQGKANHEEVLEAGKQAAQKLEQFVSLLMASIPV
;
_entity_poly.pdbx_strand_id   A
#
loop_
_chem_comp.id
_chem_comp.type
_chem_comp.name
_chem_comp.formula
HPA non-polymer HYPOXANTHINE 'C5 H4 N4 O'
R1P D-saccharide, alpha linking 1-O-phosphono-alpha-D-ribofuranose 'C5 H11 O8 P'
#
# COMPACT_ATOMS: atom_id res chain seq x y z
N MET A 1 -14.33 -5.23 -19.78
CA MET A 1 -15.49 -5.41 -18.85
C MET A 1 -15.12 -4.73 -17.53
N ALA A 2 -16.08 -3.99 -16.96
CA ALA A 2 -15.86 -3.30 -15.70
C ALA A 2 -15.84 -4.32 -14.56
N ASN A 3 -15.97 -3.86 -13.32
CA ASN A 3 -15.94 -4.76 -12.16
C ASN A 3 -16.81 -6.00 -12.29
N GLY A 4 -16.16 -7.16 -12.19
CA GLY A 4 -16.87 -8.42 -12.29
C GLY A 4 -17.30 -8.96 -10.94
N TYR A 5 -16.98 -8.24 -9.86
CA TYR A 5 -17.37 -8.68 -8.54
C TYR A 5 -18.68 -8.03 -8.11
N THR A 6 -19.60 -8.84 -7.61
CA THR A 6 -20.87 -8.34 -7.11
C THR A 6 -20.68 -8.21 -5.60
N TYR A 7 -21.55 -7.44 -4.95
CA TYR A 7 -21.46 -7.22 -3.51
C TYR A 7 -21.42 -8.54 -2.74
N GLU A 8 -22.18 -9.52 -3.19
CA GLU A 8 -22.24 -10.82 -2.55
C GLU A 8 -20.91 -11.57 -2.58
N ASP A 9 -20.13 -11.35 -3.64
CA ASP A 9 -18.83 -12.00 -3.76
C ASP A 9 -17.88 -11.55 -2.67
N TYR A 10 -17.95 -10.26 -2.33
CA TYR A 10 -17.11 -9.71 -1.27
C TYR A 10 -17.55 -10.31 0.07
N GLN A 11 -18.86 -10.29 0.34
CA GLN A 11 -19.34 -10.84 1.60
C GLN A 11 -19.12 -12.34 1.71
N ASP A 12 -19.22 -13.07 0.61
CA ASP A 12 -18.97 -14.51 0.65
C ASP A 12 -17.54 -14.74 1.16
N THR A 13 -16.59 -14.01 0.58
CA THR A 13 -15.18 -14.12 0.97
C THR A 13 -15.01 -13.68 2.43
N ALA A 14 -15.68 -12.61 2.83
CA ALA A 14 -15.60 -12.13 4.21
C ALA A 14 -16.15 -13.17 5.19
N LYS A 15 -17.26 -13.81 4.84
CA LYS A 15 -17.88 -14.83 5.68
C LYS A 15 -16.94 -16.01 5.85
N TRP A 16 -16.28 -16.41 4.77
CA TRP A 16 -15.35 -17.52 4.79
C TRP A 16 -14.21 -17.24 5.77
N LEU A 17 -13.65 -16.05 5.72
CA LEU A 17 -12.56 -15.70 6.63
C LEU A 17 -13.04 -15.70 8.08
N LEU A 18 -14.21 -15.12 8.32
CA LEU A 18 -14.81 -15.07 9.65
C LEU A 18 -15.05 -16.47 10.19
N SER A 19 -15.35 -17.41 9.30
CA SER A 19 -15.62 -18.79 9.70
C SER A 19 -14.36 -19.65 9.90
N HIS A 20 -13.19 -19.09 9.58
CA HIS A 20 -11.94 -19.85 9.69
C HIS A 20 -10.93 -19.30 10.67
N THR A 21 -11.29 -18.23 11.37
CA THR A 21 -10.41 -17.63 12.36
C THR A 21 -11.22 -16.93 13.43
N GLU A 22 -10.67 -16.84 14.64
CA GLU A 22 -11.35 -16.17 15.73
C GLU A 22 -10.92 -14.70 15.76
N GLN A 23 -9.88 -14.38 15.00
CA GLN A 23 -9.35 -13.02 14.94
C GLN A 23 -10.33 -12.05 14.29
N ARG A 24 -10.49 -10.89 14.92
CA ARG A 24 -11.37 -9.82 14.42
C ARG A 24 -10.49 -8.57 14.35
N PRO A 25 -9.79 -8.37 13.23
CA PRO A 25 -8.91 -7.22 13.03
C PRO A 25 -9.61 -5.88 12.82
N GLN A 26 -9.00 -4.82 13.34
CA GLN A 26 -9.54 -3.47 13.19
C GLN A 26 -8.67 -2.68 12.22
N VAL A 27 -7.44 -3.13 12.04
CA VAL A 27 -6.47 -2.50 11.16
C VAL A 27 -6.04 -3.50 10.08
N ALA A 28 -5.84 -3.01 8.86
CA ALA A 28 -5.40 -3.85 7.76
C ALA A 28 -4.11 -3.23 7.25
N VAL A 29 -3.12 -4.07 6.96
CA VAL A 29 -1.83 -3.57 6.46
C VAL A 29 -1.51 -4.26 5.15
N ILE A 30 -1.09 -3.50 4.15
CA ILE A 30 -0.72 -4.05 2.86
C ILE A 30 0.78 -3.88 2.71
N CYS A 31 1.49 -4.99 2.60
CA CYS A 31 2.95 -4.97 2.47
C CYS A 31 3.43 -4.99 1.02
N GLY A 32 4.31 -4.04 0.70
CA GLY A 32 4.85 -3.94 -0.64
C GLY A 32 6.12 -4.75 -0.84
N SER A 33 6.81 -4.46 -1.94
CA SER A 33 8.05 -5.16 -2.29
C SER A 33 9.11 -5.06 -1.21
N GLY A 34 9.61 -6.22 -0.78
CA GLY A 34 10.63 -6.27 0.24
C GLY A 34 10.18 -5.79 1.61
N LEU A 35 8.87 -5.70 1.81
CA LEU A 35 8.32 -5.25 3.09
C LEU A 35 7.55 -6.37 3.79
N GLY A 36 7.61 -7.57 3.22
CA GLY A 36 6.92 -8.71 3.79
C GLY A 36 7.38 -9.11 5.19
N GLY A 37 8.49 -8.55 5.65
CA GLY A 37 8.99 -8.88 6.98
C GLY A 37 8.15 -8.38 8.14
N LEU A 38 7.30 -7.39 7.88
CA LEU A 38 6.43 -6.81 8.90
C LEU A 38 5.55 -7.85 9.60
N VAL A 39 5.28 -8.95 8.91
CA VAL A 39 4.46 -10.03 9.45
C VAL A 39 5.13 -10.77 10.62
N ASN A 40 6.46 -10.75 10.65
CA ASN A 40 7.24 -11.43 11.69
C ASN A 40 7.01 -10.97 13.12
N LYS A 41 6.34 -9.83 13.28
CA LYS A 41 6.09 -9.29 14.62
C LYS A 41 4.72 -9.66 15.17
N LEU A 42 3.95 -10.43 14.40
CA LEU A 42 2.61 -10.84 14.80
C LEU A 42 2.62 -11.99 15.80
N THR A 43 1.75 -11.89 16.79
CA THR A 43 1.60 -12.95 17.78
C THR A 43 0.24 -13.58 17.47
N GLN A 44 0.10 -14.88 17.74
CA GLN A 44 -1.16 -15.58 17.50
C GLN A 44 -1.55 -15.48 16.02
N ALA A 45 -0.54 -15.50 15.16
CA ALA A 45 -0.74 -15.39 13.72
C ALA A 45 -1.37 -16.61 13.06
N GLN A 46 -2.27 -16.38 12.12
CA GLN A 46 -2.90 -17.44 11.37
C GLN A 46 -2.73 -17.01 9.94
N THR A 47 -2.21 -17.90 9.11
CA THR A 47 -1.93 -17.59 7.73
C THR A 47 -2.86 -18.29 6.75
N PHE A 48 -3.20 -17.57 5.69
CA PHE A 48 -4.04 -18.12 4.63
C PHE A 48 -3.33 -17.78 3.33
N ASP A 49 -3.08 -18.79 2.49
CA ASP A 49 -2.45 -18.54 1.21
C ASP A 49 -3.56 -17.94 0.35
N TYR A 50 -3.25 -16.95 -0.48
CA TYR A 50 -4.28 -16.34 -1.32
C TYR A 50 -5.02 -17.38 -2.14
N SER A 51 -4.31 -18.43 -2.55
CA SER A 51 -4.92 -19.48 -3.37
C SER A 51 -6.03 -20.30 -2.69
N GLU A 52 -6.09 -20.25 -1.36
CA GLU A 52 -7.11 -21.01 -0.65
C GLU A 52 -8.34 -20.20 -0.27
N ILE A 53 -8.28 -18.89 -0.43
CA ILE A 53 -9.40 -18.01 -0.08
C ILE A 53 -10.25 -17.76 -1.31
N PRO A 54 -11.53 -18.13 -1.25
CA PRO A 54 -12.44 -17.94 -2.40
C PRO A 54 -12.39 -16.50 -2.93
N ASN A 55 -12.39 -16.38 -4.26
CA ASN A 55 -12.40 -15.08 -4.97
C ASN A 55 -11.13 -14.22 -4.93
N PHE A 56 -10.14 -14.61 -4.12
CA PHE A 56 -8.89 -13.85 -3.99
C PHE A 56 -7.94 -14.06 -5.18
N PRO A 57 -7.30 -12.98 -5.67
CA PRO A 57 -6.36 -13.10 -6.79
C PRO A 57 -5.04 -13.63 -6.22
N GLU A 58 -4.00 -13.74 -7.04
CA GLU A 58 -2.69 -14.22 -6.56
C GLU A 58 -1.52 -13.34 -6.95
N SER A 59 -0.59 -13.12 -6.03
CA SER A 59 0.56 -12.29 -6.32
C SER A 59 1.60 -13.15 -7.05
N THR A 60 2.08 -12.66 -8.18
CA THR A 60 3.06 -13.39 -8.99
C THR A 60 4.43 -12.73 -9.04
N VAL A 61 4.58 -11.63 -8.30
CA VAL A 61 5.82 -10.88 -8.28
C VAL A 61 6.78 -11.25 -7.15
N PRO A 62 8.06 -11.50 -7.48
CA PRO A 62 9.06 -11.85 -6.49
C PRO A 62 9.11 -10.76 -5.44
N GLY A 63 8.99 -11.14 -4.18
CA GLY A 63 9.00 -10.18 -3.10
C GLY A 63 7.59 -10.04 -2.54
N HIS A 64 6.68 -10.84 -3.10
CA HIS A 64 5.29 -10.86 -2.69
C HIS A 64 4.89 -12.33 -2.48
N ALA A 65 4.91 -12.74 -1.22
CA ALA A 65 4.58 -14.11 -0.82
C ALA A 65 3.19 -14.61 -1.21
N GLY A 66 2.18 -13.74 -1.11
CA GLY A 66 0.84 -14.15 -1.45
C GLY A 66 0.16 -14.85 -0.28
N ARG A 67 0.14 -14.18 0.87
CA ARG A 67 -0.45 -14.74 2.08
C ARG A 67 -1.13 -13.65 2.89
N LEU A 68 -2.29 -13.99 3.46
CA LEU A 68 -3.08 -13.10 4.30
C LEU A 68 -2.79 -13.60 5.70
N VAL A 69 -2.27 -12.74 6.56
CA VAL A 69 -1.92 -13.13 7.92
C VAL A 69 -2.68 -12.32 8.98
N PHE A 70 -3.34 -13.02 9.88
CA PHE A 70 -4.06 -12.38 10.98
C PHE A 70 -3.18 -12.53 12.20
N GLY A 71 -3.20 -11.53 13.06
CA GLY A 71 -2.38 -11.59 14.25
C GLY A 71 -2.50 -10.35 15.09
N ILE A 72 -1.82 -10.38 16.23
CA ILE A 72 -1.82 -9.26 17.15
C ILE A 72 -0.47 -8.56 16.99
N LEU A 73 -0.51 -7.26 16.73
CA LEU A 73 0.70 -6.47 16.56
C LEU A 73 0.69 -5.35 17.61
N ASN A 74 1.59 -5.47 18.59
CA ASN A 74 1.70 -4.48 19.66
C ASN A 74 0.35 -4.14 20.29
N GLY A 75 -0.43 -5.18 20.60
CA GLY A 75 -1.73 -4.99 21.22
C GLY A 75 -2.93 -4.83 20.29
N ARG A 76 -2.69 -4.40 19.05
CA ARG A 76 -3.78 -4.21 18.09
C ARG A 76 -3.97 -5.42 17.19
N ALA A 77 -5.23 -5.81 17.01
CA ALA A 77 -5.55 -6.94 16.15
C ALA A 77 -5.55 -6.46 14.71
N CYS A 78 -4.76 -7.10 13.86
CA CYS A 78 -4.70 -6.69 12.47
C CYS A 78 -4.55 -7.84 11.47
N VAL A 79 -4.78 -7.52 10.21
CA VAL A 79 -4.64 -8.49 9.13
C VAL A 79 -3.70 -7.84 8.12
N MET A 80 -2.74 -8.62 7.64
CA MET A 80 -1.76 -8.12 6.69
C MET A 80 -1.75 -8.89 5.39
N MET A 81 -1.53 -8.16 4.31
CA MET A 81 -1.41 -8.75 3.01
C MET A 81 0.10 -8.82 2.76
N GLN A 82 0.64 -10.01 2.88
CA GLN A 82 2.06 -10.19 2.64
C GLN A 82 2.18 -10.36 1.14
N GLY A 83 2.25 -9.24 0.44
CA GLY A 83 2.33 -9.24 -1.00
C GLY A 83 1.03 -8.68 -1.54
N ARG A 84 1.10 -7.91 -2.61
CA ARG A 84 -0.09 -7.31 -3.19
C ARG A 84 -0.17 -7.59 -4.68
N PHE A 85 -1.16 -6.98 -5.34
CA PHE A 85 -1.37 -7.14 -6.76
C PHE A 85 -1.07 -5.83 -7.48
N HIS A 86 -0.68 -5.93 -8.75
CA HIS A 86 -0.37 -4.75 -9.55
C HIS A 86 -1.04 -4.89 -10.90
N MET A 87 -1.31 -3.77 -11.56
CA MET A 87 -1.94 -3.83 -12.87
C MET A 87 -1.00 -4.41 -13.94
N TYR A 88 0.31 -4.24 -13.77
CA TYR A 88 1.26 -4.77 -14.76
C TYR A 88 1.30 -6.30 -14.83
N GLU A 89 0.67 -6.97 -13.87
CA GLU A 89 0.62 -8.43 -13.83
C GLU A 89 -0.50 -8.93 -14.74
N GLY A 90 -1.36 -8.01 -15.18
CA GLY A 90 -2.47 -8.36 -16.03
C GLY A 90 -3.80 -8.20 -15.32
N TYR A 91 -3.76 -7.71 -14.10
CA TYR A 91 -4.96 -7.51 -13.29
C TYR A 91 -5.65 -6.18 -13.50
N PRO A 92 -6.98 -6.21 -13.67
CA PRO A 92 -7.74 -4.97 -13.85
C PRO A 92 -7.77 -4.38 -12.43
N PHE A 93 -7.98 -3.07 -12.32
CA PHE A 93 -8.01 -2.47 -10.99
C PHE A 93 -9.07 -3.03 -10.06
N TRP A 94 -10.16 -3.58 -10.60
CA TRP A 94 -11.20 -4.15 -9.76
C TRP A 94 -10.76 -5.47 -9.11
N LYS A 95 -9.74 -6.11 -9.69
CA LYS A 95 -9.19 -7.33 -9.11
C LYS A 95 -8.13 -6.91 -8.11
N VAL A 96 -7.32 -5.93 -8.49
CA VAL A 96 -6.26 -5.41 -7.63
C VAL A 96 -6.79 -4.94 -6.28
N THR A 97 -7.97 -4.32 -6.29
CA THR A 97 -8.54 -3.79 -5.07
C THR A 97 -9.56 -4.66 -4.33
N PHE A 98 -9.71 -5.91 -4.75
CA PHE A 98 -10.66 -6.83 -4.12
C PHE A 98 -10.53 -6.94 -2.59
N PRO A 99 -9.30 -7.16 -2.08
CA PRO A 99 -9.10 -7.28 -0.63
C PRO A 99 -9.56 -6.09 0.20
N VAL A 100 -9.42 -4.89 -0.33
CA VAL A 100 -9.81 -3.69 0.42
C VAL A 100 -11.28 -3.71 0.82
N ARG A 101 -12.16 -4.10 -0.10
CA ARG A 101 -13.59 -4.16 0.19
C ARG A 101 -13.95 -5.29 1.14
N VAL A 102 -13.22 -6.40 1.02
CA VAL A 102 -13.44 -7.54 1.92
C VAL A 102 -13.08 -7.09 3.35
N PHE A 103 -11.99 -6.33 3.48
CA PHE A 103 -11.54 -5.83 4.78
C PHE A 103 -12.62 -4.98 5.43
N ARG A 104 -13.25 -4.12 4.62
CA ARG A 104 -14.34 -3.27 5.09
C ARG A 104 -15.45 -4.14 5.66
N LEU A 105 -15.77 -5.25 4.98
CA LEU A 105 -16.83 -6.15 5.44
C LEU A 105 -16.42 -7.01 6.64
N LEU A 106 -15.13 -7.02 6.97
CA LEU A 106 -14.66 -7.78 8.13
C LEU A 106 -14.76 -6.90 9.38
N GLY A 107 -15.05 -5.62 9.19
CA GLY A 107 -15.15 -4.71 10.30
C GLY A 107 -13.94 -3.82 10.48
N VAL A 108 -12.99 -3.90 9.54
CA VAL A 108 -11.78 -3.09 9.58
C VAL A 108 -12.13 -1.61 9.41
N GLU A 109 -11.42 -0.75 10.13
CA GLU A 109 -11.68 0.69 10.06
C GLU A 109 -10.49 1.49 9.53
N THR A 110 -9.31 0.91 9.65
CA THR A 110 -8.10 1.59 9.20
C THR A 110 -7.27 0.73 8.27
N LEU A 111 -6.77 1.36 7.21
CA LEU A 111 -5.94 0.70 6.21
C LEU A 111 -4.58 1.40 6.15
N VAL A 112 -3.53 0.60 6.28
CA VAL A 112 -2.17 1.11 6.22
C VAL A 112 -1.57 0.53 4.95
N VAL A 113 -1.14 1.39 4.03
CA VAL A 113 -0.56 0.95 2.77
C VAL A 113 0.93 1.30 2.73
N THR A 114 1.74 0.36 2.26
CA THR A 114 3.18 0.60 2.17
C THR A 114 3.65 0.19 0.79
N ASN A 115 4.81 0.68 0.38
CA ASN A 115 5.35 0.32 -0.92
C ASN A 115 6.80 0.73 -0.99
N ALA A 116 7.47 0.23 -2.01
CA ALA A 116 8.86 0.55 -2.28
C ALA A 116 8.71 1.53 -3.44
N ALA A 117 9.39 2.66 -3.38
CA ALA A 117 9.28 3.66 -4.46
C ALA A 117 10.62 4.23 -4.85
N GLY A 118 10.68 4.73 -6.08
CA GLY A 118 11.89 5.35 -6.57
C GLY A 118 11.84 6.80 -6.13
N GLY A 119 12.98 7.33 -5.71
CA GLY A 119 13.02 8.69 -5.25
C GLY A 119 13.18 9.72 -6.36
N LEU A 120 12.31 10.72 -6.35
CA LEU A 120 12.36 11.80 -7.33
C LEU A 120 12.88 13.04 -6.63
N ASN A 121 12.48 13.26 -5.39
CA ASN A 121 12.94 14.41 -4.64
C ASN A 121 14.43 14.28 -4.38
N PRO A 122 15.23 15.26 -4.84
CA PRO A 122 16.70 15.29 -4.68
C PRO A 122 17.20 15.13 -3.25
N ASN A 123 16.41 15.61 -2.29
CA ASN A 123 16.77 15.54 -0.89
C ASN A 123 16.56 14.17 -0.26
N PHE A 124 16.01 13.23 -1.01
CA PHE A 124 15.77 11.89 -0.50
C PHE A 124 17.03 11.05 -0.67
N GLU A 125 17.24 10.12 0.26
CA GLU A 125 18.38 9.24 0.21
C GLU A 125 17.84 7.82 0.29
N VAL A 126 18.57 6.87 -0.27
CA VAL A 126 18.16 5.48 -0.25
C VAL A 126 18.02 5.07 1.22
N GLY A 127 16.89 4.45 1.54
CA GLY A 127 16.63 4.01 2.91
C GLY A 127 15.64 4.92 3.62
N ASP A 128 15.35 6.08 3.02
CA ASP A 128 14.40 7.03 3.61
C ASP A 128 12.99 6.48 3.63
N ILE A 129 12.21 6.95 4.61
CA ILE A 129 10.82 6.57 4.74
C ILE A 129 10.04 7.86 4.47
N MET A 130 9.16 7.83 3.49
CA MET A 130 8.38 9.00 3.13
C MET A 130 6.90 8.79 3.43
N LEU A 131 6.35 9.62 4.30
CA LEU A 131 4.91 9.55 4.59
C LEU A 131 4.24 10.09 3.35
N ILE A 132 3.22 9.40 2.86
CA ILE A 132 2.49 9.84 1.68
C ILE A 132 1.43 10.82 2.11
N ARG A 133 1.59 12.09 1.79
CA ARG A 133 0.58 13.07 2.16
C ARG A 133 -0.41 13.29 1.02
N ASP A 134 -0.06 12.81 -0.17
CA ASP A 134 -0.94 12.99 -1.33
C ASP A 134 -0.44 12.12 -2.47
N HIS A 135 -1.24 12.00 -3.53
CA HIS A 135 -0.87 11.22 -4.70
C HIS A 135 -1.35 11.83 -6.00
N ILE A 136 -0.79 11.34 -7.10
CA ILE A 136 -1.17 11.76 -8.44
C ILE A 136 -1.46 10.44 -9.14
N ASN A 137 -2.68 10.28 -9.62
CA ASN A 137 -3.11 9.05 -10.27
C ASN A 137 -3.08 9.17 -11.79
N LEU A 138 -1.94 8.84 -12.39
CA LEU A 138 -1.80 8.91 -13.84
C LEU A 138 -2.77 8.00 -14.58
N PRO A 139 -2.89 6.72 -14.16
CA PRO A 139 -3.84 5.85 -14.87
C PRO A 139 -5.27 6.40 -14.79
N GLY A 140 -5.60 7.02 -13.66
CA GLY A 140 -6.93 7.59 -13.47
C GLY A 140 -7.25 8.71 -14.46
N PHE A 141 -6.22 9.46 -14.86
CA PHE A 141 -6.42 10.54 -15.81
C PHE A 141 -7.03 10.02 -17.12
N SER A 142 -6.74 8.77 -17.45
CA SER A 142 -7.25 8.16 -18.69
C SER A 142 -8.49 7.29 -18.53
N GLY A 143 -9.01 7.17 -17.32
CA GLY A 143 -10.21 6.37 -17.14
C GLY A 143 -9.98 5.02 -16.50
N GLU A 144 -8.73 4.61 -16.36
CA GLU A 144 -8.39 3.34 -15.72
C GLU A 144 -8.54 3.61 -14.22
N ASN A 145 -9.67 3.16 -13.67
CA ASN A 145 -9.99 3.44 -12.28
C ASN A 145 -10.79 2.27 -11.72
N PRO A 146 -10.50 1.84 -10.48
CA PRO A 146 -11.24 0.73 -9.88
C PRO A 146 -12.74 0.96 -9.63
N LEU A 147 -13.15 2.21 -9.72
CA LEU A 147 -14.55 2.59 -9.51
C LEU A 147 -15.34 2.74 -10.82
N ARG A 148 -14.66 2.54 -11.95
CA ARG A 148 -15.34 2.67 -13.23
C ARG A 148 -16.43 1.61 -13.39
N GLY A 149 -17.60 2.05 -13.86
CA GLY A 149 -18.71 1.13 -14.03
C GLY A 149 -19.77 1.49 -13.01
N PRO A 150 -20.89 0.76 -12.97
CA PRO A 150 -21.98 1.01 -12.02
C PRO A 150 -21.47 1.13 -10.60
N ASN A 151 -21.95 2.13 -9.87
CA ASN A 151 -21.54 2.32 -8.49
C ASN A 151 -22.35 1.44 -7.55
N GLU A 152 -21.68 0.83 -6.58
CA GLU A 152 -22.35 -0.01 -5.62
C GLU A 152 -22.61 0.87 -4.41
N GLU A 153 -23.84 1.34 -4.29
CA GLU A 153 -24.24 2.22 -3.19
C GLU A 153 -24.00 1.66 -1.80
N ARG A 154 -23.88 0.34 -1.69
CA ARG A 154 -23.64 -0.29 -0.41
C ARG A 154 -22.22 -0.06 0.10
N PHE A 155 -21.35 0.42 -0.77
CA PHE A 155 -19.97 0.69 -0.37
C PHE A 155 -19.73 2.19 -0.23
N GLY A 156 -20.20 2.97 -1.19
CA GLY A 156 -19.98 4.40 -1.11
C GLY A 156 -20.70 5.16 -2.20
N VAL A 157 -20.42 6.45 -2.29
CA VAL A 157 -21.04 7.33 -3.26
C VAL A 157 -20.45 7.26 -4.66
N ARG A 158 -21.20 7.77 -5.64
CA ARG A 158 -20.77 7.77 -7.03
C ARG A 158 -19.53 8.62 -7.29
N PHE A 159 -19.46 9.79 -6.66
CA PHE A 159 -18.35 10.71 -6.84
C PHE A 159 -17.61 11.00 -5.53
N PRO A 160 -16.75 10.07 -5.08
CA PRO A 160 -16.04 10.32 -3.82
C PRO A 160 -14.93 11.36 -3.97
N ALA A 161 -14.72 12.15 -2.92
CA ALA A 161 -13.67 13.17 -2.91
C ALA A 161 -12.37 12.48 -2.53
N MET A 162 -11.25 13.01 -2.99
CA MET A 162 -9.95 12.44 -2.68
C MET A 162 -8.98 13.43 -2.05
N SER A 163 -9.39 14.69 -1.94
CA SER A 163 -8.53 15.73 -1.38
C SER A 163 -8.07 15.47 0.07
N ASP A 164 -8.84 14.67 0.80
CA ASP A 164 -8.51 14.34 2.19
C ASP A 164 -8.25 12.83 2.37
N ALA A 165 -7.68 12.21 1.35
CA ALA A 165 -7.42 10.77 1.36
C ALA A 165 -6.50 10.29 2.45
N TYR A 166 -5.40 11.00 2.67
CA TYR A 166 -4.44 10.58 3.70
C TYR A 166 -4.69 11.30 5.02
N ASP A 167 -5.22 10.55 5.98
CA ASP A 167 -5.55 11.06 7.31
C ASP A 167 -4.48 11.98 7.94
N ARG A 168 -4.88 13.22 8.23
CA ARG A 168 -3.97 14.20 8.82
C ARG A 168 -3.54 13.83 10.23
N ASP A 169 -4.48 13.34 11.03
CA ASP A 169 -4.17 12.96 12.41
C ASP A 169 -3.15 11.82 12.47
N MET A 170 -3.27 10.84 11.58
CA MET A 170 -2.33 9.72 11.56
C MET A 170 -0.94 10.19 11.19
N ARG A 171 -0.86 11.17 10.30
CA ARG A 171 0.43 11.68 9.88
C ARG A 171 1.16 12.42 11.00
N GLN A 172 0.40 13.10 11.85
CA GLN A 172 0.98 13.81 12.99
C GLN A 172 1.52 12.76 13.96
N LYS A 173 0.74 11.72 14.21
CA LYS A 173 1.13 10.63 15.09
C LYS A 173 2.41 10.01 14.59
N ALA A 174 2.51 9.81 13.29
CA ALA A 174 3.69 9.22 12.67
C ALA A 174 4.94 10.03 12.98
N HIS A 175 4.80 11.35 12.96
CA HIS A 175 5.95 12.22 13.25
C HIS A 175 6.34 12.16 14.72
N SER A 176 5.37 12.18 15.62
CA SER A 176 5.66 12.11 17.05
C SER A 176 6.34 10.77 17.38
N THR A 177 5.84 9.70 16.77
CA THR A 177 6.40 8.36 16.97
C THR A 177 7.84 8.29 16.48
N TRP A 178 8.12 8.89 15.33
CA TRP A 178 9.45 8.88 14.75
C TRP A 178 10.45 9.55 15.68
N LYS A 179 10.05 10.67 16.26
CA LYS A 179 10.93 11.40 17.18
C LYS A 179 11.27 10.55 18.40
N GLN A 180 10.30 9.74 18.84
CA GLN A 180 10.50 8.90 20.01
C GLN A 180 11.46 7.74 19.73
N MET A 181 11.65 7.42 18.45
CA MET A 181 12.54 6.33 18.07
C MET A 181 14.01 6.74 18.13
N GLY A 182 14.26 8.05 18.21
CA GLY A 182 15.63 8.54 18.27
C GLY A 182 16.37 8.41 16.96
N GLU A 183 15.64 8.51 15.85
CA GLU A 183 16.23 8.40 14.52
C GLU A 183 17.00 9.66 14.14
N GLN A 184 18.17 9.47 13.54
CA GLN A 184 19.01 10.58 13.10
C GLN A 184 18.48 11.23 11.81
N ARG A 185 17.98 10.40 10.91
CA ARG A 185 17.43 10.89 9.65
C ARG A 185 15.98 11.32 9.90
N GLU A 186 15.57 12.41 9.24
CA GLU A 186 14.22 12.92 9.41
C GLU A 186 13.19 12.07 8.65
N LEU A 187 11.94 12.10 9.11
CA LEU A 187 10.86 11.37 8.46
C LEU A 187 10.41 12.28 7.31
N GLN A 188 10.51 11.79 6.08
CA GLN A 188 10.12 12.57 4.91
C GLN A 188 8.61 12.53 4.73
N GLU A 189 8.09 13.39 3.86
CA GLU A 189 6.66 13.44 3.59
C GLU A 189 6.48 14.03 2.19
N GLY A 190 5.61 13.43 1.39
CA GLY A 190 5.42 13.95 0.05
C GLY A 190 4.35 13.28 -0.78
N THR A 191 4.38 13.63 -2.06
CA THR A 191 3.43 13.12 -3.04
C THR A 191 3.97 11.90 -3.77
N TYR A 192 3.14 10.88 -3.87
CA TYR A 192 3.48 9.65 -4.55
C TYR A 192 2.79 9.66 -5.92
N VAL A 193 3.51 9.31 -6.97
CA VAL A 193 2.93 9.26 -8.30
C VAL A 193 2.93 7.82 -8.79
N MET A 194 1.78 7.36 -9.25
CA MET A 194 1.67 6.00 -9.75
C MET A 194 1.59 5.96 -11.27
N LEU A 195 2.33 5.02 -11.86
CA LEU A 195 2.31 4.78 -13.29
C LEU A 195 2.18 3.26 -13.47
N GLY A 196 1.84 2.83 -14.68
CA GLY A 196 1.63 1.41 -14.94
C GLY A 196 2.75 0.37 -14.82
N GLY A 197 3.93 0.68 -15.33
CA GLY A 197 5.01 -0.28 -15.27
C GLY A 197 4.77 -1.34 -16.34
N PRO A 198 5.48 -2.49 -16.31
CA PRO A 198 6.50 -2.91 -15.35
C PRO A 198 7.92 -2.40 -15.60
N ASN A 199 8.15 -1.75 -16.73
CA ASN A 199 9.49 -1.24 -17.01
C ASN A 199 9.80 -0.04 -16.13
N PHE A 200 11.08 0.25 -15.97
CA PHE A 200 11.50 1.38 -15.18
C PHE A 200 11.56 2.60 -16.11
N GLU A 201 11.52 3.79 -15.54
CA GLU A 201 11.47 5.04 -16.27
C GLU A 201 12.72 5.51 -17.05
N THR A 202 12.49 6.35 -18.04
CA THR A 202 13.57 6.93 -18.82
C THR A 202 13.93 8.21 -18.08
N VAL A 203 15.07 8.79 -18.42
CA VAL A 203 15.50 10.03 -17.80
C VAL A 203 14.46 11.11 -18.07
N ALA A 204 13.99 11.19 -19.31
CA ALA A 204 13.00 12.19 -19.69
C ALA A 204 11.72 12.07 -18.88
N GLU A 205 11.28 10.84 -18.64
CA GLU A 205 10.06 10.61 -17.88
C GLU A 205 10.22 11.04 -16.42
N CYS A 206 11.40 10.76 -15.86
CA CYS A 206 11.69 11.13 -14.47
C CYS A 206 11.72 12.63 -14.25
N ARG A 207 12.32 13.36 -15.18
CA ARG A 207 12.40 14.82 -15.06
C ARG A 207 10.99 15.41 -15.13
N LEU A 208 10.16 14.80 -15.96
CA LEU A 208 8.78 15.23 -16.13
C LEU A 208 7.98 14.99 -14.85
N LEU A 209 8.14 13.80 -14.28
CA LEU A 209 7.42 13.44 -13.06
C LEU A 209 7.79 14.35 -11.90
N ARG A 210 9.07 14.69 -11.81
CA ARG A 210 9.55 15.57 -10.76
C ARG A 210 8.96 16.95 -10.98
N ASN A 211 8.94 17.40 -12.24
CA ASN A 211 8.39 18.71 -12.56
C ASN A 211 6.87 18.80 -12.39
N LEU A 212 6.20 17.65 -12.33
CA LEU A 212 4.76 17.61 -12.11
C LEU A 212 4.50 17.78 -10.61
N GLY A 213 5.58 17.75 -9.82
CA GLY A 213 5.47 17.91 -8.38
C GLY A 213 5.48 16.62 -7.58
N ALA A 214 5.97 15.53 -8.15
CA ALA A 214 5.99 14.26 -7.44
C ALA A 214 7.32 14.04 -6.70
N ASP A 215 7.26 13.36 -5.56
CA ASP A 215 8.45 13.11 -4.77
C ASP A 215 8.97 11.68 -4.90
N ALA A 216 8.07 10.75 -5.17
CA ALA A 216 8.42 9.35 -5.32
C ALA A 216 7.52 8.73 -6.37
N VAL A 217 8.04 7.75 -7.10
CA VAL A 217 7.28 7.09 -8.15
C VAL A 217 7.14 5.59 -7.85
N GLY A 218 6.00 5.01 -8.20
CA GLY A 218 5.77 3.60 -7.96
C GLY A 218 4.69 3.05 -8.86
N MET A 219 4.41 1.75 -8.77
CA MET A 219 3.42 1.09 -9.63
C MET A 219 2.25 0.45 -8.88
N SER A 220 1.82 1.05 -7.78
CA SER A 220 0.70 0.49 -7.01
C SER A 220 0.13 1.52 -6.04
N THR A 221 -0.51 1.01 -4.99
CA THR A 221 -1.06 1.82 -3.91
C THR A 221 -2.26 2.73 -4.16
N VAL A 222 -2.16 3.63 -5.13
CA VAL A 222 -3.23 4.57 -5.44
C VAL A 222 -4.61 3.93 -5.66
N PRO A 223 -4.70 2.84 -6.46
CA PRO A 223 -6.03 2.23 -6.65
C PRO A 223 -6.64 1.70 -5.36
N GLU A 224 -5.79 1.25 -4.44
CA GLU A 224 -6.25 0.73 -3.16
C GLU A 224 -6.76 1.87 -2.27
N VAL A 225 -6.05 3.00 -2.30
CA VAL A 225 -6.43 4.16 -1.52
C VAL A 225 -7.80 4.69 -2.00
N ILE A 226 -7.98 4.70 -3.31
CA ILE A 226 -9.24 5.16 -3.90
C ILE A 226 -10.42 4.32 -3.42
N VAL A 227 -10.29 3.00 -3.53
CA VAL A 227 -11.36 2.10 -3.09
C VAL A 227 -11.55 2.19 -1.58
N ALA A 228 -10.44 2.30 -0.83
CA ALA A 228 -10.49 2.40 0.61
C ALA A 228 -11.27 3.64 1.06
N ARG A 229 -11.00 4.77 0.40
CA ARG A 229 -11.71 5.99 0.77
C ARG A 229 -13.18 5.95 0.34
N HIS A 230 -13.45 5.31 -0.80
CA HIS A 230 -14.82 5.18 -1.30
C HIS A 230 -15.69 4.48 -0.27
N CYS A 231 -15.15 3.46 0.39
CA CYS A 231 -15.93 2.74 1.40
C CYS A 231 -15.75 3.26 2.83
N GLY A 232 -15.14 4.44 2.95
CA GLY A 232 -15.00 5.06 4.25
C GLY A 232 -13.92 4.61 5.21
N LEU A 233 -12.86 4.00 4.69
CA LEU A 233 -11.77 3.58 5.54
C LEU A 233 -10.80 4.75 5.73
N ARG A 234 -10.23 4.83 6.93
CA ARG A 234 -9.23 5.84 7.27
C ARG A 234 -7.97 5.28 6.61
N VAL A 235 -7.24 6.09 5.86
CA VAL A 235 -6.05 5.61 5.17
C VAL A 235 -4.77 6.31 5.62
N PHE A 236 -3.71 5.52 5.76
CA PHE A 236 -2.40 6.03 6.13
C PHE A 236 -1.39 5.20 5.33
N GLY A 237 -0.34 5.82 4.83
CA GLY A 237 0.64 5.05 4.08
C GLY A 237 2.01 5.68 3.96
N PHE A 238 3.00 4.87 3.59
CA PHE A 238 4.35 5.35 3.42
C PHE A 238 5.14 4.56 2.38
N SER A 239 6.13 5.21 1.81
CA SER A 239 7.00 4.63 0.81
C SER A 239 8.39 4.47 1.39
N LEU A 240 9.04 3.36 1.05
CA LEU A 240 10.42 3.15 1.46
C LEU A 240 11.15 3.54 0.18
N ILE A 241 12.02 4.54 0.26
CA ILE A 241 12.77 4.98 -0.90
C ILE A 241 13.90 3.97 -1.12
N THR A 242 13.70 3.08 -2.10
CA THR A 242 14.68 2.02 -2.38
C THR A 242 15.82 2.40 -3.32
N ASN A 243 15.64 3.47 -4.08
CA ASN A 243 16.67 3.88 -5.02
C ASN A 243 16.41 5.29 -5.48
N LYS A 244 17.48 5.93 -5.95
CA LYS A 244 17.38 7.28 -6.48
C LYS A 244 17.23 7.14 -7.98
N VAL A 245 16.20 7.79 -8.51
CA VAL A 245 15.89 7.77 -9.93
C VAL A 245 17.02 8.43 -10.76
N ILE A 246 17.34 7.83 -11.91
CA ILE A 246 18.37 8.36 -12.81
C ILE A 246 17.82 9.60 -13.52
N MET A 247 18.43 10.76 -13.30
CA MET A 247 17.98 12.00 -13.91
C MET A 247 18.92 12.56 -14.97
N ASP A 248 20.04 11.90 -15.21
CA ASP A 248 21.00 12.38 -16.21
C ASP A 248 21.35 11.30 -17.21
N THR A 249 21.56 11.70 -18.45
CA THR A 249 21.89 10.78 -19.53
C THR A 249 23.23 10.06 -19.33
N GLU A 250 24.02 10.53 -18.38
CA GLU A 250 25.29 9.86 -18.06
C GLU A 250 24.91 8.81 -17.02
N SER A 251 24.13 7.84 -17.46
CA SER A 251 23.64 6.77 -16.60
C SER A 251 24.76 5.95 -15.95
N GLN A 252 25.06 6.29 -14.70
CA GLN A 252 26.08 5.59 -13.94
C GLN A 252 25.48 4.31 -13.34
N GLY A 253 24.41 3.82 -13.94
CA GLY A 253 23.75 2.62 -13.47
C GLY A 253 22.29 2.65 -13.90
N LYS A 254 21.48 1.74 -13.36
CA LYS A 254 20.06 1.69 -13.69
C LYS A 254 19.26 0.85 -12.71
N ALA A 255 18.01 1.25 -12.49
CA ALA A 255 17.11 0.57 -11.57
C ALA A 255 16.92 -0.91 -11.89
N ASN A 256 16.82 -1.71 -10.83
CA ASN A 256 16.63 -3.15 -10.94
C ASN A 256 15.85 -3.64 -9.73
N HIS A 257 15.04 -4.67 -9.92
CA HIS A 257 14.20 -5.23 -8.86
C HIS A 257 14.92 -5.77 -7.62
N GLU A 258 16.06 -6.42 -7.81
CA GLU A 258 16.77 -6.98 -6.67
C GLU A 258 17.31 -5.89 -5.74
N GLU A 259 17.70 -4.75 -6.30
CA GLU A 259 18.20 -3.64 -5.49
C GLU A 259 17.09 -3.14 -4.57
N VAL A 260 15.85 -3.11 -5.06
CA VAL A 260 14.75 -2.64 -4.23
C VAL A 260 14.46 -3.65 -3.12
N LEU A 261 14.52 -4.95 -3.45
CA LEU A 261 14.28 -6.00 -2.48
C LEU A 261 15.40 -5.98 -1.44
N GLU A 262 16.61 -5.76 -1.92
CA GLU A 262 17.78 -5.69 -1.07
C GLU A 262 17.62 -4.56 -0.08
N ALA A 263 17.11 -3.43 -0.57
CA ALA A 263 16.89 -2.24 0.25
C ALA A 263 15.83 -2.53 1.33
N GLY A 264 14.81 -3.31 0.95
CA GLY A 264 13.76 -3.65 1.89
C GLY A 264 14.31 -4.40 3.10
N LYS A 265 15.16 -5.39 2.85
CA LYS A 265 15.78 -6.17 3.92
C LYS A 265 16.67 -5.26 4.76
N GLN A 266 17.38 -4.36 4.07
CA GLN A 266 18.26 -3.38 4.69
C GLN A 266 17.52 -2.54 5.73
N ALA A 267 16.31 -2.10 5.39
CA ALA A 267 15.51 -1.27 6.29
C ALA A 267 14.46 -2.05 7.07
N ALA A 268 14.62 -3.36 7.15
CA ALA A 268 13.67 -4.23 7.84
C ALA A 268 13.42 -3.86 9.31
N GLN A 269 14.47 -3.89 10.13
CA GLN A 269 14.34 -3.57 11.54
C GLN A 269 13.75 -2.20 11.85
N LYS A 270 13.98 -1.24 10.96
CA LYS A 270 13.48 0.13 11.15
C LYS A 270 11.98 0.24 10.88
N LEU A 271 11.53 -0.20 9.71
CA LEU A 271 10.11 -0.13 9.35
C LEU A 271 9.22 -0.94 10.28
N GLU A 272 9.63 -2.16 10.57
CA GLU A 272 8.87 -3.04 11.46
C GLU A 272 8.67 -2.37 12.81
N GLN A 273 9.74 -1.78 13.34
CA GLN A 273 9.72 -1.09 14.61
C GLN A 273 8.75 0.08 14.56
N PHE A 274 8.82 0.84 13.47
CA PHE A 274 7.96 2.00 13.25
C PHE A 274 6.48 1.61 13.15
N VAL A 275 6.17 0.57 12.39
CA VAL A 275 4.80 0.13 12.23
C VAL A 275 4.25 -0.42 13.54
N SER A 276 5.09 -1.15 14.26
CA SER A 276 4.70 -1.74 15.54
C SER A 276 4.32 -0.63 16.53
N LEU A 277 5.14 0.42 16.60
CA LEU A 277 4.85 1.55 17.50
C LEU A 277 3.59 2.30 17.08
N LEU A 278 3.40 2.47 15.78
CA LEU A 278 2.23 3.17 15.24
C LEU A 278 0.90 2.53 15.65
N MET A 279 0.90 1.22 15.87
CA MET A 279 -0.32 0.51 16.27
C MET A 279 -0.99 1.15 17.48
N ALA A 280 -0.19 1.72 18.38
CA ALA A 280 -0.72 2.39 19.56
C ALA A 280 -1.44 3.66 19.09
N SER A 281 -2.76 3.67 19.26
CA SER A 281 -3.62 4.78 18.85
C SER A 281 -3.76 4.81 17.33
N ILE A 282 -4.72 4.06 16.82
CA ILE A 282 -4.97 4.00 15.39
C ILE A 282 -6.01 4.99 14.84
N PRO A 283 -7.05 5.36 15.64
CA PRO A 283 -7.41 4.99 17.01
C PRO A 283 -8.17 3.66 17.10
N VAL A 284 -9.48 3.74 17.30
CA VAL A 284 -10.34 2.56 17.41
C VAL A 284 -11.80 3.02 17.41
C5 R1P B . 10.05 -2.29 -8.45
O5 R1P B . 11.29 -2.87 -7.83
C4 R1P B . 8.69 -2.70 -8.01
O4 R1P B . 8.63 -2.29 -6.56
C1 R1P B . 7.48 -1.53 -6.16
C2 R1P B . 6.97 -1.05 -7.62
O2 R1P B . 5.56 -0.75 -7.63
C3 R1P B . 7.39 -2.14 -8.65
O3 R1P B . 6.33 -3.12 -8.71
O1 R1P B . 6.29 -2.65 -5.76
P R1P B . 5.11 -2.23 -4.55
O1P R1P B . 4.10 -3.33 -4.28
O2P R1P B . 6.14 -1.92 -3.50
O3P R1P B . 4.57 -0.90 -5.01
N1 HPA C . 10.39 3.24 -10.47
C2 HPA C . 9.09 2.85 -10.33
N3 HPA C . 8.67 2.14 -9.27
C4 HPA C . 9.70 1.88 -8.36
C5 HPA C . 11.01 2.24 -8.45
C6 HPA C . 11.46 2.98 -9.57
O6 HPA C . 12.61 3.39 -9.78
N7 HPA C . 11.71 1.78 -7.37
C8 HPA C . 10.80 1.13 -6.59
N9 HPA C . 9.55 1.17 -7.17
#